data_1WSC
#
_entry.id   1WSC
#
_cell.length_a   69.863
_cell.length_b   113.657
_cell.length_c   111.623
_cell.angle_alpha   90.00
_cell.angle_beta   90.00
_cell.angle_gamma   90.00
#
_symmetry.space_group_name_H-M   'C 2 2 21'
#
loop_
_entity.id
_entity.type
_entity.pdbx_description
1 polymer 'Hypothetical protein ST0229'
2 water water
#
_entity_poly.entity_id   1
_entity_poly.type   'polypeptide(L)'
_entity_poly.pdbx_seq_one_letter_code
;(MSE)SQEQLVAVNELNENLGKVLIKIARDSIANKLGILKINLEDYLSSLNDPILNKKGLAFVTLETYYGNSTSLRGCIG
YVEAVAPLKEIVSKAAIAAAFSDPRFPPLSKGEFDNIIIEVTVLTKPQEIDVENRWELPKKIKVGEDGLIVEYGILYSGL
LLPQVP(MSE)EYCWDEETFLAETCIKAGLEPDCWLNNKVKIKKFQGIIFREEKPKSEKILIIKPSEVKCKKEEISLL
;
_entity_poly.pdbx_strand_id   A,B
#
# COMPACT_ATOMS: atom_id res chain seq x y z
N GLN A 3 -10.02 -14.01 20.40
CA GLN A 3 -10.41 -15.33 20.96
C GLN A 3 -9.16 -15.99 21.51
N GLU A 4 -8.45 -16.69 20.62
CA GLU A 4 -7.21 -17.35 21.00
C GLU A 4 -6.13 -16.27 21.07
N GLN A 5 -6.42 -15.23 21.87
CA GLN A 5 -5.53 -14.08 22.06
C GLN A 5 -5.69 -13.05 20.94
N LEU A 6 -6.84 -13.08 20.27
CA LEU A 6 -7.10 -12.14 19.18
C LEU A 6 -7.91 -10.95 19.67
N VAL A 7 -7.44 -9.76 19.36
CA VAL A 7 -8.14 -8.55 19.78
C VAL A 7 -9.42 -8.36 18.99
N ALA A 8 -10.43 -7.80 19.66
CA ALA A 8 -11.73 -7.50 19.06
C ALA A 8 -11.78 -5.97 19.10
N VAL A 9 -12.36 -5.36 18.06
CA VAL A 9 -12.44 -3.89 17.98
C VAL A 9 -13.16 -3.26 19.16
N ASN A 10 -14.21 -3.92 19.62
CA ASN A 10 -14.98 -3.42 20.75
C ASN A 10 -14.15 -3.38 22.03
N GLU A 11 -12.91 -3.86 21.94
CA GLU A 11 -12.03 -3.87 23.10
C GLU A 11 -11.17 -2.62 23.08
N LEU A 12 -11.16 -1.96 21.94
CA LEU A 12 -10.37 -0.75 21.77
C LEU A 12 -11.20 0.50 22.01
N ASN A 13 -11.03 1.07 23.20
CA ASN A 13 -11.75 2.28 23.57
C ASN A 13 -10.84 3.48 23.36
N GLU A 14 -11.35 4.66 23.72
CA GLU A 14 -10.59 5.89 23.57
C GLU A 14 -9.29 5.90 24.38
N ASN A 15 -9.26 5.18 25.51
CA ASN A 15 -8.05 5.18 26.31
C ASN A 15 -7.01 4.25 25.68
N LEU A 16 -7.46 3.11 25.14
CA LEU A 16 -6.53 2.20 24.48
C LEU A 16 -5.99 2.88 23.23
N GLY A 17 -6.84 3.64 22.55
CA GLY A 17 -6.41 4.36 21.37
C GLY A 17 -5.39 5.39 21.83
N LYS A 18 -5.58 5.87 23.06
CA LYS A 18 -4.69 6.85 23.67
C LYS A 18 -3.33 6.21 23.88
N VAL A 19 -3.34 4.96 24.33
CA VAL A 19 -2.12 4.22 24.58
C VAL A 19 -1.41 3.83 23.27
N LEU A 20 -2.16 3.28 22.33
CA LEU A 20 -1.56 2.91 21.05
C LEU A 20 -0.89 4.11 20.41
N ILE A 21 -1.52 5.28 20.54
CA ILE A 21 -0.99 6.51 19.98
C ILE A 21 0.30 6.95 20.71
N LYS A 22 0.34 6.72 22.02
CA LYS A 22 1.52 7.07 22.80
C LYS A 22 2.64 6.07 22.51
N ILE A 23 2.27 4.82 22.26
CA ILE A 23 3.24 3.79 21.93
C ILE A 23 3.90 4.16 20.59
N ALA A 24 3.08 4.58 19.62
CA ALA A 24 3.59 4.97 18.32
C ALA A 24 4.47 6.21 18.47
N ARG A 25 4.01 7.15 19.29
CA ARG A 25 4.72 8.39 19.55
C ARG A 25 6.09 8.14 20.18
N ASP A 26 6.11 7.33 21.24
CA ASP A 26 7.37 7.03 21.94
C ASP A 26 8.31 6.18 21.11
N SER A 27 7.77 5.25 20.35
CA SER A 27 8.61 4.39 19.53
C SER A 27 9.39 5.30 18.59
N ILE A 28 8.69 6.18 17.88
CA ILE A 28 9.34 7.10 16.95
C ILE A 28 10.33 8.00 17.71
N ALA A 29 9.89 8.56 18.83
CA ALA A 29 10.72 9.43 19.66
C ALA A 29 11.95 8.67 20.10
N ASN A 30 11.78 7.40 20.41
CA ASN A 30 12.92 6.59 20.83
C ASN A 30 13.92 6.42 19.68
N LYS A 31 13.43 6.17 18.48
CA LYS A 31 14.35 5.99 17.36
C LYS A 31 14.93 7.30 16.85
N LEU A 32 14.20 8.39 17.04
CA LEU A 32 14.71 9.69 16.63
C LEU A 32 15.85 10.08 17.57
N GLY A 33 15.86 9.48 18.76
CA GLY A 33 16.89 9.79 19.73
C GLY A 33 16.37 10.78 20.77
N ILE A 34 15.08 11.08 20.70
CA ILE A 34 14.45 12.01 21.62
C ILE A 34 14.16 11.37 22.98
N LEU A 35 13.37 10.29 22.96
CA LEU A 35 13.02 9.59 24.18
C LEU A 35 14.09 8.59 24.54
N LYS A 36 14.57 8.66 25.78
CA LYS A 36 15.63 7.76 26.28
C LYS A 36 15.06 6.55 27.00
N ILE A 37 14.92 5.45 26.29
CA ILE A 37 14.39 4.23 26.89
C ILE A 37 14.84 3.01 26.15
N ASN A 38 14.54 1.85 26.71
CA ASN A 38 14.85 0.58 26.09
C ASN A 38 13.47 0.20 25.61
N LEU A 39 13.20 0.47 24.34
CA LEU A 39 11.90 0.21 23.75
C LEU A 39 11.35 -1.18 24.05
N GLU A 40 12.18 -2.19 23.88
CA GLU A 40 11.76 -3.57 24.14
C GLU A 40 11.27 -3.76 25.58
N ASP A 41 12.07 -3.32 26.56
CA ASP A 41 11.66 -3.46 27.95
C ASP A 41 10.48 -2.55 28.21
N TYR A 42 10.44 -1.43 27.49
CA TYR A 42 9.34 -0.50 27.65
C TYR A 42 8.04 -1.18 27.22
N LEU A 43 8.07 -1.84 26.08
CA LEU A 43 6.89 -2.52 25.58
C LEU A 43 6.46 -3.66 26.49
N SER A 44 7.40 -4.43 27.02
CA SER A 44 6.99 -5.52 27.90
C SER A 44 6.49 -5.03 29.27
N SER A 45 6.71 -3.76 29.59
CA SER A 45 6.22 -3.20 30.86
C SER A 45 4.74 -2.84 30.80
N LEU A 46 4.22 -2.61 29.59
CA LEU A 46 2.81 -2.30 29.43
C LEU A 46 2.13 -3.66 29.59
N ASN A 47 1.60 -3.92 30.77
CA ASN A 47 0.99 -5.20 31.09
C ASN A 47 -0.52 -5.34 30.90
N ASP A 48 -1.14 -4.37 30.24
CA ASP A 48 -2.58 -4.45 30.00
C ASP A 48 -2.75 -5.57 28.95
N PRO A 49 -3.44 -6.66 29.32
CA PRO A 49 -3.69 -7.82 28.45
C PRO A 49 -4.20 -7.47 27.06
N ILE A 50 -5.03 -6.42 26.99
CA ILE A 50 -5.57 -5.98 25.71
C ILE A 50 -4.43 -5.66 24.73
N LEU A 51 -3.46 -4.88 25.20
CA LEU A 51 -2.32 -4.48 24.38
C LEU A 51 -1.58 -5.66 23.79
N ASN A 52 -1.69 -6.79 24.47
CA ASN A 52 -1.00 -7.95 23.97
C ASN A 52 -1.84 -8.89 23.13
N LYS A 53 -3.12 -8.56 22.94
CA LYS A 53 -3.94 -9.40 22.07
C LYS A 53 -3.45 -9.07 20.66
N LYS A 54 -3.71 -9.97 19.72
CA LYS A 54 -3.22 -9.79 18.36
C LYS A 54 -4.18 -9.22 17.36
N GLY A 55 -3.60 -8.50 16.39
CA GLY A 55 -4.38 -7.89 15.33
C GLY A 55 -3.45 -7.33 14.26
N LEU A 56 -4.02 -6.60 13.32
CA LEU A 56 -3.23 -6.01 12.26
C LEU A 56 -3.23 -4.50 12.50
N ALA A 57 -2.16 -3.82 12.09
CA ALA A 57 -2.11 -2.39 12.32
C ALA A 57 -1.35 -1.61 11.26
N PHE A 58 -1.77 -0.36 11.10
CA PHE A 58 -1.17 0.60 10.18
C PHE A 58 -0.96 1.89 10.94
N VAL A 59 0.05 2.63 10.56
CA VAL A 59 0.27 3.90 11.19
C VAL A 59 0.60 4.90 10.10
N THR A 60 -0.13 5.99 10.08
CA THR A 60 0.13 7.05 9.12
C THR A 60 0.39 8.33 9.90
N LEU A 61 1.41 9.07 9.48
CA LEU A 61 1.77 10.31 10.12
C LEU A 61 1.38 11.44 9.17
N GLU A 62 0.60 12.40 9.66
CA GLU A 62 0.15 13.55 8.85
C GLU A 62 0.70 14.85 9.45
N THR A 63 1.27 15.71 8.60
CA THR A 63 1.80 16.99 9.07
C THR A 63 0.61 17.89 9.38
N TYR A 64 0.57 18.42 10.61
CA TYR A 64 -0.54 19.26 11.07
C TYR A 64 -0.58 20.69 10.57
N TYR A 65 -1.77 21.11 10.13
CA TYR A 65 -2.02 22.45 9.63
C TYR A 65 -3.31 22.97 10.26
N GLY A 66 -3.56 24.27 10.11
CA GLY A 66 -4.75 24.86 10.67
C GLY A 66 -6.06 24.15 10.41
N ASN A 67 -6.39 23.93 9.13
CA ASN A 67 -7.64 23.28 8.74
C ASN A 67 -7.40 22.18 7.71
N SER A 68 -6.21 21.60 7.72
CA SER A 68 -5.86 20.55 6.78
C SER A 68 -4.61 19.84 7.26
N THR A 69 -4.29 18.72 6.63
CA THR A 69 -3.11 17.96 7.01
C THR A 69 -2.45 17.43 5.75
N SER A 70 -1.20 17.01 5.88
CA SER A 70 -0.46 16.49 4.75
C SER A 70 0.24 15.15 5.07
N LEU A 71 -0.08 14.12 4.30
CA LEU A 71 0.51 12.80 4.48
C LEU A 71 2.02 12.97 4.68
N ARG A 72 2.56 12.29 5.68
CA ARG A 72 3.99 12.38 5.96
C ARG A 72 4.68 11.01 5.97
N GLY A 73 3.89 9.94 5.95
CA GLY A 73 4.48 8.62 5.97
C GLY A 73 3.43 7.61 6.36
N CYS A 74 3.45 6.45 5.73
CA CYS A 74 2.47 5.43 6.03
C CYS A 74 3.00 4.01 5.85
N ILE A 75 2.79 3.18 6.86
CA ILE A 75 3.21 1.79 6.84
C ILE A 75 2.24 0.96 7.66
N GLY A 76 1.94 -0.23 7.15
CA GLY A 76 1.04 -1.12 7.83
C GLY A 76 1.38 -2.57 7.51
N TYR A 77 1.01 -3.47 8.41
CA TYR A 77 1.28 -4.89 8.21
C TYR A 77 -0.02 -5.65 8.28
N VAL A 78 -0.35 -6.35 7.20
CA VAL A 78 -1.57 -7.13 7.14
C VAL A 78 -1.30 -8.60 6.84
N GLU A 79 -0.03 -8.97 6.82
CA GLU A 79 0.31 -10.36 6.50
C GLU A 79 0.05 -11.33 7.65
N ALA A 80 0.35 -10.92 8.88
CA ALA A 80 0.16 -11.77 10.04
C ALA A 80 -0.13 -10.95 11.28
N VAL A 81 -1.00 -11.44 12.14
CA VAL A 81 -1.34 -10.70 13.35
C VAL A 81 -0.25 -10.86 14.39
N ALA A 82 -0.11 -9.84 15.21
CA ALA A 82 0.89 -9.83 16.28
C ALA A 82 0.34 -8.94 17.38
N PRO A 83 0.88 -9.09 18.60
CA PRO A 83 0.41 -8.27 19.73
C PRO A 83 0.27 -6.80 19.35
N LEU A 84 -0.87 -6.21 19.65
CA LEU A 84 -1.09 -4.80 19.32
C LEU A 84 0.08 -3.85 19.59
N LYS A 85 0.53 -3.81 20.84
CA LYS A 85 1.61 -2.90 21.21
C LYS A 85 2.85 -3.07 20.34
N GLU A 86 3.11 -4.31 19.94
CA GLU A 86 4.27 -4.62 19.10
C GLU A 86 4.08 -4.26 17.62
N ILE A 87 2.92 -4.60 17.06
CA ILE A 87 2.74 -4.29 15.66
C ILE A 87 2.59 -2.78 15.49
N VAL A 88 2.01 -2.12 16.48
CA VAL A 88 1.84 -0.66 16.42
C VAL A 88 3.18 0.06 16.60
N SER A 89 4.00 -0.42 17.53
CA SER A 89 5.32 0.20 17.76
C SER A 89 6.12 0.07 16.47
N LYS A 90 6.08 -1.12 15.88
CA LYS A 90 6.80 -1.40 14.64
C LYS A 90 6.32 -0.54 13.47
N ALA A 91 5.00 -0.44 13.31
CA ALA A 91 4.41 0.35 12.23
C ALA A 91 4.74 1.83 12.35
N ALA A 92 4.69 2.35 13.58
CA ALA A 92 4.97 3.75 13.84
C ALA A 92 6.37 4.07 13.36
N ILE A 93 7.31 3.23 13.75
CA ILE A 93 8.69 3.41 13.37
C ILE A 93 8.83 3.39 11.85
N ALA A 94 8.17 2.43 11.20
CA ALA A 94 8.25 2.31 9.75
C ALA A 94 7.57 3.48 9.04
N ALA A 95 6.49 3.97 9.62
CA ALA A 95 5.78 5.11 9.01
C ALA A 95 6.72 6.31 8.98
N ALA A 96 7.53 6.46 10.03
CA ALA A 96 8.46 7.56 10.14
C ALA A 96 9.75 7.40 9.34
N PHE A 97 10.24 6.17 9.18
CA PHE A 97 11.50 5.96 8.48
C PHE A 97 11.53 5.07 7.22
N SER A 98 10.50 4.26 7.00
CA SER A 98 10.53 3.35 5.86
C SER A 98 9.75 3.73 4.61
N ASP A 99 8.76 4.60 4.74
CA ASP A 99 7.99 5.00 3.57
C ASP A 99 8.94 5.47 2.45
N PRO A 100 8.99 4.73 1.33
CA PRO A 100 9.84 5.00 0.16
C PRO A 100 9.62 6.36 -0.48
N ARG A 101 8.55 7.05 -0.08
CA ARG A 101 8.22 8.34 -0.65
C ARG A 101 8.72 9.58 0.07
N PHE A 102 9.18 9.44 1.31
CA PHE A 102 9.63 10.61 2.06
C PHE A 102 10.97 10.38 2.70
N PRO A 103 11.63 11.47 3.12
CA PRO A 103 12.92 11.32 3.79
C PRO A 103 12.53 10.77 5.16
N PRO A 104 13.48 10.20 5.91
CA PRO A 104 13.06 9.70 7.22
C PRO A 104 12.61 10.90 8.07
N LEU A 105 11.79 10.67 9.07
CA LEU A 105 11.32 11.76 9.92
C LEU A 105 12.52 12.41 10.60
N SER A 106 12.48 13.72 10.74
CA SER A 106 13.59 14.40 11.41
C SER A 106 13.10 14.78 12.80
N LYS A 107 14.02 15.08 13.69
CA LYS A 107 13.65 15.48 15.06
C LYS A 107 12.79 16.72 14.97
N GLY A 108 13.18 17.63 14.07
CA GLY A 108 12.46 18.87 13.89
C GLY A 108 11.00 18.72 13.51
N GLU A 109 10.67 17.67 12.79
CA GLU A 109 9.28 17.44 12.36
C GLU A 109 8.40 16.77 13.42
N PHE A 110 8.99 15.86 14.19
CA PHE A 110 8.28 15.11 15.24
C PHE A 110 7.20 15.89 15.99
N ASP A 111 7.49 17.15 16.30
CA ASP A 111 6.56 18.00 17.04
C ASP A 111 5.33 18.46 16.27
N ASN A 112 5.41 18.44 14.94
CA ASN A 112 4.29 18.90 14.10
C ASN A 112 3.54 17.80 13.37
N ILE A 113 3.78 16.55 13.75
CA ILE A 113 3.07 15.46 13.08
C ILE A 113 1.92 14.98 13.95
N ILE A 114 0.84 14.58 13.29
CA ILE A 114 -0.33 14.04 13.96
C ILE A 114 -0.25 12.57 13.61
N ILE A 115 -0.49 11.71 14.60
CA ILE A 115 -0.41 10.28 14.37
C ILE A 115 -1.77 9.61 14.26
N GLU A 116 -1.87 8.69 13.31
CA GLU A 116 -3.10 7.95 13.10
C GLU A 116 -2.81 6.45 13.17
N VAL A 117 -3.56 5.74 14.02
CA VAL A 117 -3.37 4.31 14.17
C VAL A 117 -4.63 3.56 13.76
N THR A 118 -4.48 2.62 12.84
CA THR A 118 -5.60 1.79 12.40
C THR A 118 -5.37 0.37 12.87
N VAL A 119 -6.38 -0.21 13.50
CA VAL A 119 -6.26 -1.57 13.97
C VAL A 119 -7.31 -2.43 13.26
N LEU A 120 -6.86 -3.54 12.69
CA LEU A 120 -7.77 -4.44 12.02
C LEU A 120 -7.73 -5.78 12.74
N THR A 121 -8.87 -6.44 12.87
CA THR A 121 -8.90 -7.74 13.54
C THR A 121 -8.47 -8.80 12.54
N LYS A 122 -8.07 -9.95 13.06
CA LYS A 122 -7.65 -11.05 12.20
C LYS A 122 -8.86 -11.53 11.41
N PRO A 123 -8.75 -11.55 10.08
CA PRO A 123 -9.90 -12.00 9.29
C PRO A 123 -10.21 -13.43 9.73
N GLN A 124 -11.49 -13.76 9.86
CA GLN A 124 -11.85 -15.10 10.27
C GLN A 124 -13.02 -15.70 9.47
N GLU A 125 -12.87 -16.98 9.15
CA GLU A 125 -13.85 -17.71 8.36
C GLU A 125 -15.25 -17.81 8.98
N ILE A 126 -16.25 -17.56 8.15
CA ILE A 126 -17.65 -17.63 8.56
C ILE A 126 -18.15 -19.03 8.24
N ASP A 127 -18.18 -19.89 9.26
CA ASP A 127 -18.61 -21.26 9.05
C ASP A 127 -20.13 -21.44 9.22
N VAL A 128 -20.86 -21.23 8.13
CA VAL A 128 -22.31 -21.38 8.12
C VAL A 128 -22.65 -22.34 6.98
N GLU A 129 -23.17 -23.52 7.35
CA GLU A 129 -23.52 -24.53 6.36
C GLU A 129 -24.85 -24.29 5.62
N ASN A 130 -25.32 -23.04 5.66
CA ASN A 130 -26.55 -22.68 4.97
C ASN A 130 -26.32 -21.31 4.37
N ARG A 131 -25.36 -21.25 3.45
CA ARG A 131 -24.95 -20.03 2.78
C ARG A 131 -26.00 -18.96 2.51
N TRP A 132 -27.27 -19.33 2.44
CA TRP A 132 -28.31 -18.33 2.19
C TRP A 132 -28.54 -17.51 3.46
N GLU A 133 -27.97 -17.97 4.56
CA GLU A 133 -28.07 -17.28 5.85
C GLU A 133 -26.79 -16.47 6.08
N LEU A 134 -25.96 -16.43 5.05
CA LEU A 134 -24.68 -15.73 5.09
C LEU A 134 -24.81 -14.22 5.29
N PRO A 135 -25.76 -13.56 4.61
CA PRO A 135 -25.96 -12.11 4.74
C PRO A 135 -26.29 -11.67 6.16
N LYS A 136 -26.81 -12.61 6.95
CA LYS A 136 -27.18 -12.33 8.33
C LYS A 136 -25.99 -12.39 9.28
N LYS A 137 -24.97 -13.18 8.92
CA LYS A 137 -23.79 -13.31 9.78
C LYS A 137 -22.78 -12.17 9.62
N ILE A 138 -23.13 -11.16 8.86
CA ILE A 138 -22.27 -9.99 8.68
C ILE A 138 -23.09 -8.72 8.84
N LYS A 139 -22.39 -7.60 8.96
CA LYS A 139 -23.06 -6.33 9.13
C LYS A 139 -22.32 -5.20 8.41
N VAL A 140 -23.03 -4.56 7.47
CA VAL A 140 -22.47 -3.45 6.70
C VAL A 140 -22.11 -2.28 7.60
N GLY A 141 -20.86 -1.86 7.52
CA GLY A 141 -20.39 -0.75 8.35
C GLY A 141 -19.50 -1.25 9.47
N GLU A 142 -19.51 -2.56 9.70
CA GLU A 142 -18.68 -3.14 10.74
C GLU A 142 -17.69 -4.15 10.17
N ASP A 143 -18.19 -5.01 9.28
CA ASP A 143 -17.37 -6.07 8.71
C ASP A 143 -16.70 -5.88 7.35
N GLY A 144 -15.42 -6.23 7.30
CA GLY A 144 -14.68 -6.19 6.06
C GLY A 144 -14.86 -7.62 5.53
N LEU A 145 -14.65 -7.85 4.24
CA LEU A 145 -14.82 -9.19 3.70
C LEU A 145 -13.69 -9.68 2.83
N ILE A 146 -13.52 -11.00 2.85
CA ILE A 146 -12.54 -11.68 2.05
C ILE A 146 -13.23 -12.87 1.39
N VAL A 147 -13.29 -12.88 0.07
CA VAL A 147 -13.89 -13.98 -0.67
C VAL A 147 -12.77 -14.71 -1.38
N GLU A 148 -12.63 -16.01 -1.09
CA GLU A 148 -11.58 -16.81 -1.69
C GLU A 148 -12.04 -18.16 -2.22
N TYR A 149 -11.35 -18.62 -3.26
CA TYR A 149 -11.63 -19.89 -3.89
C TYR A 149 -10.33 -20.31 -4.57
N GLY A 150 -9.41 -20.85 -3.78
CA GLY A 150 -8.13 -21.27 -4.32
C GLY A 150 -7.29 -20.02 -4.52
N ILE A 151 -5.98 -20.18 -4.59
CA ILE A 151 -5.07 -19.05 -4.78
C ILE A 151 -5.53 -18.03 -5.83
N LEU A 152 -5.97 -18.51 -7.00
CA LEU A 152 -6.39 -17.63 -8.10
C LEU A 152 -7.51 -16.63 -7.88
N TYR A 153 -8.44 -16.93 -6.99
CA TYR A 153 -9.56 -16.03 -6.75
C TYR A 153 -9.62 -15.52 -5.31
N SER A 154 -9.34 -14.24 -5.16
CA SER A 154 -9.34 -13.62 -3.85
C SER A 154 -9.86 -12.19 -3.96
N GLY A 155 -10.84 -11.86 -3.12
CA GLY A 155 -11.42 -10.53 -3.11
C GLY A 155 -11.46 -9.98 -1.70
N LEU A 156 -11.08 -8.72 -1.53
CA LEU A 156 -11.05 -8.11 -0.22
C LEU A 156 -11.69 -6.71 -0.21
N LEU A 157 -12.55 -6.45 0.77
CA LEU A 157 -13.18 -5.14 0.90
C LEU A 157 -13.11 -4.68 2.34
N LEU A 158 -12.70 -3.42 2.52
CA LEU A 158 -12.61 -2.84 3.84
C LEU A 158 -14.02 -2.54 4.34
N PRO A 159 -14.21 -2.45 5.68
CA PRO A 159 -15.51 -2.18 6.35
C PRO A 159 -16.29 -0.98 5.81
N GLN A 160 -15.60 0.13 5.58
CA GLN A 160 -16.24 1.35 5.08
C GLN A 160 -16.88 1.29 3.70
N VAL A 161 -16.23 0.60 2.77
CA VAL A 161 -16.72 0.53 1.40
C VAL A 161 -18.22 0.30 1.23
N PRO A 162 -18.76 -0.79 1.78
CA PRO A 162 -20.19 -1.06 1.63
C PRO A 162 -21.06 0.13 2.02
N MSE A 163 -20.72 0.78 3.11
CA MSE A 163 -21.51 1.89 3.59
C MSE A 163 -21.42 3.15 2.76
O MSE A 163 -22.44 3.78 2.48
CB MSE A 163 -21.15 2.20 5.05
CG MSE A 163 -22.08 3.19 5.69
SE MSE A 163 -21.96 3.09 7.63
CE MSE A 163 -22.89 1.39 7.94
N GLU A 164 -20.22 3.53 2.35
CA GLU A 164 -20.05 4.73 1.58
C GLU A 164 -20.69 4.62 0.18
N TYR A 165 -20.90 3.39 -0.29
CA TYR A 165 -21.53 3.20 -1.58
C TYR A 165 -22.97 2.79 -1.40
N CYS A 166 -23.41 2.86 -0.15
CA CYS A 166 -24.80 2.57 0.21
C CYS A 166 -25.31 1.19 -0.17
N TRP A 167 -24.57 0.13 0.19
CA TRP A 167 -24.99 -1.23 -0.15
C TRP A 167 -25.61 -1.99 1.01
N ASP A 168 -26.39 -3.02 0.68
CA ASP A 168 -26.99 -3.85 1.72
C ASP A 168 -26.02 -5.03 1.87
N GLU A 169 -26.31 -5.93 2.81
CA GLU A 169 -25.45 -7.07 3.07
C GLU A 169 -25.22 -7.97 1.86
N GLU A 170 -26.29 -8.30 1.14
CA GLU A 170 -26.13 -9.16 -0.03
C GLU A 170 -25.33 -8.50 -1.14
N THR A 171 -25.66 -7.25 -1.47
CA THR A 171 -24.93 -6.53 -2.51
C THR A 171 -23.45 -6.54 -2.15
N PHE A 172 -23.18 -6.38 -0.86
CA PHE A 172 -21.81 -6.35 -0.37
C PHE A 172 -21.06 -7.65 -0.70
N LEU A 173 -21.71 -8.80 -0.47
CA LEU A 173 -21.10 -10.09 -0.77
C LEU A 173 -20.97 -10.30 -2.26
N ALA A 174 -21.92 -9.77 -3.01
CA ALA A 174 -21.89 -9.92 -4.45
C ALA A 174 -20.73 -9.12 -5.03
N GLU A 175 -20.60 -7.87 -4.57
CA GLU A 175 -19.53 -7.02 -5.08
C GLU A 175 -18.14 -7.55 -4.71
N THR A 176 -18.03 -8.23 -3.59
CA THR A 176 -16.74 -8.78 -3.18
C THR A 176 -16.43 -9.97 -4.07
N CYS A 177 -17.46 -10.75 -4.38
CA CYS A 177 -17.30 -11.90 -5.26
C CYS A 177 -16.80 -11.40 -6.60
N ILE A 178 -17.37 -10.30 -7.08
CA ILE A 178 -16.97 -9.74 -8.35
C ILE A 178 -15.52 -9.29 -8.26
N LYS A 179 -15.12 -8.82 -7.09
CA LYS A 179 -13.74 -8.38 -6.87
C LYS A 179 -12.80 -9.57 -6.93
N ALA A 180 -13.29 -10.71 -6.48
CA ALA A 180 -12.53 -11.95 -6.46
C ALA A 180 -12.43 -12.57 -7.85
N GLY A 181 -13.22 -12.06 -8.79
CA GLY A 181 -13.20 -12.59 -10.15
C GLY A 181 -14.25 -13.66 -10.31
N LEU A 182 -15.08 -13.80 -9.28
CA LEU A 182 -16.16 -14.78 -9.25
C LEU A 182 -17.49 -14.15 -9.63
N GLU A 183 -18.52 -14.98 -9.80
CA GLU A 183 -19.85 -14.47 -10.14
C GLU A 183 -20.43 -13.79 -8.93
N PRO A 184 -21.38 -12.86 -9.14
CA PRO A 184 -22.04 -12.10 -8.07
C PRO A 184 -22.62 -12.99 -6.96
N ASP A 185 -23.03 -14.21 -7.31
CA ASP A 185 -23.61 -15.11 -6.31
C ASP A 185 -22.65 -16.21 -5.84
N CYS A 186 -21.36 -15.91 -5.84
CA CYS A 186 -20.35 -16.88 -5.43
C CYS A 186 -20.41 -17.21 -3.95
N TRP A 187 -21.02 -16.31 -3.17
CA TRP A 187 -21.11 -16.51 -1.73
C TRP A 187 -22.05 -17.64 -1.30
N LEU A 188 -22.93 -18.07 -2.19
CA LEU A 188 -23.85 -19.16 -1.88
C LEU A 188 -23.21 -20.52 -2.14
N ASN A 189 -21.98 -20.49 -2.66
CA ASN A 189 -21.24 -21.72 -2.99
C ASN A 189 -20.27 -22.15 -1.87
N ASN A 190 -20.59 -23.27 -1.23
CA ASN A 190 -19.78 -23.81 -0.14
C ASN A 190 -18.29 -23.92 -0.41
N LYS A 191 -17.91 -23.99 -1.69
CA LYS A 191 -16.51 -24.10 -2.05
C LYS A 191 -15.78 -22.76 -1.95
N VAL A 192 -16.54 -21.68 -1.81
CA VAL A 192 -15.98 -20.34 -1.70
C VAL A 192 -15.86 -19.99 -0.22
N LYS A 193 -14.63 -19.74 0.23
CA LYS A 193 -14.44 -19.39 1.63
C LYS A 193 -14.67 -17.90 1.86
N ILE A 194 -15.29 -17.57 2.99
CA ILE A 194 -15.57 -16.19 3.29
C ILE A 194 -15.18 -15.82 4.72
N LYS A 195 -14.33 -14.80 4.85
CA LYS A 195 -13.90 -14.36 6.16
C LYS A 195 -14.44 -12.95 6.38
N LYS A 196 -14.46 -12.54 7.64
CA LYS A 196 -14.90 -11.19 7.96
C LYS A 196 -13.91 -10.67 8.97
N PHE A 197 -13.84 -9.35 9.08
CA PHE A 197 -12.93 -8.76 10.02
C PHE A 197 -13.45 -7.37 10.30
N GLN A 198 -12.93 -6.74 11.34
CA GLN A 198 -13.36 -5.39 11.69
C GLN A 198 -12.14 -4.48 11.78
N GLY A 199 -12.42 -3.19 11.92
CA GLY A 199 -11.36 -2.22 12.03
C GLY A 199 -11.80 -1.00 12.79
N ILE A 200 -10.82 -0.17 13.15
CA ILE A 200 -11.08 1.05 13.89
C ILE A 200 -9.89 1.98 13.69
N ILE A 201 -10.12 3.28 13.84
CA ILE A 201 -9.08 4.28 13.65
C ILE A 201 -9.00 5.24 14.84
N PHE A 202 -7.78 5.57 15.27
CA PHE A 202 -7.58 6.50 16.38
C PHE A 202 -6.67 7.57 15.82
N ARG A 203 -6.95 8.82 16.16
CA ARG A 203 -6.15 9.88 15.63
C ARG A 203 -6.13 11.14 16.47
N GLU A 204 -4.96 11.74 16.55
CA GLU A 204 -4.79 12.97 17.31
C GLU A 204 -5.46 14.07 16.50
N GLU A 205 -6.18 14.96 17.18
CA GLU A 205 -6.81 16.07 16.46
C GLU A 205 -5.79 17.20 16.41
N LYS A 206 -4.69 16.99 17.12
CA LYS A 206 -3.59 17.96 17.20
C LYS A 206 -2.35 17.19 17.67
N PRO A 207 -1.15 17.64 17.29
CA PRO A 207 0.11 16.98 17.67
C PRO A 207 0.29 16.79 19.18
N LYS A 208 0.27 15.54 19.61
CA LYS A 208 0.43 15.19 21.03
C LYS A 208 -0.78 15.57 21.86
N SER A 209 -1.92 15.79 21.22
CA SER A 209 -3.13 16.18 21.92
C SER A 209 -3.61 15.11 22.91
N GLU A 210 -4.28 15.57 23.95
CA GLU A 210 -4.83 14.70 24.98
C GLU A 210 -6.08 14.01 24.46
N LYS A 211 -6.81 14.73 23.62
CA LYS A 211 -8.04 14.22 23.05
C LYS A 211 -7.80 13.54 21.71
N ILE A 212 -8.36 12.34 21.55
CA ILE A 212 -8.22 11.60 20.30
C ILE A 212 -9.58 11.30 19.67
N LEU A 213 -9.60 11.26 18.34
CA LEU A 213 -10.81 11.01 17.58
C LEU A 213 -10.95 9.51 17.29
N ILE A 214 -12.09 8.93 17.64
CA ILE A 214 -12.33 7.51 17.37
C ILE A 214 -13.17 7.47 16.09
N ILE A 215 -12.59 6.91 15.03
CA ILE A 215 -13.27 6.84 13.75
C ILE A 215 -13.63 5.40 13.41
N LYS A 216 -14.93 5.15 13.31
CA LYS A 216 -15.46 3.83 13.03
C LYS A 216 -15.98 3.67 11.61
N PRO A 217 -15.70 2.52 10.97
CA PRO A 217 -16.18 2.28 9.61
C PRO A 217 -17.70 2.42 9.53
N SER A 218 -18.38 2.20 10.66
CA SER A 218 -19.84 2.28 10.71
C SER A 218 -20.42 3.71 10.78
N GLU A 219 -19.56 4.71 10.82
CA GLU A 219 -20.00 6.10 10.88
C GLU A 219 -19.77 6.79 9.55
N VAL A 220 -19.40 6.02 8.52
CA VAL A 220 -19.16 6.61 7.21
C VAL A 220 -20.48 6.89 6.48
N LYS A 221 -20.58 8.05 5.85
CA LYS A 221 -21.79 8.43 5.13
C LYS A 221 -21.85 7.90 3.71
N CYS A 222 -23.04 7.44 3.33
CA CYS A 222 -23.29 6.95 1.98
C CYS A 222 -22.98 8.12 1.03
N LYS A 223 -22.03 7.92 0.13
CA LYS A 223 -21.63 8.96 -0.81
C LYS A 223 -22.78 9.78 -1.45
N LYS A 224 -23.95 9.17 -1.63
CA LYS A 224 -25.10 9.87 -2.23
C LYS A 224 -25.68 10.97 -1.35
N GLU A 225 -25.23 11.06 -0.10
CA GLU A 225 -25.72 12.07 0.82
C GLU A 225 -24.69 13.15 1.07
N GLU A 226 -23.60 13.10 0.31
CA GLU A 226 -22.51 14.06 0.44
C GLU A 226 -22.79 15.28 -0.42
N ILE A 227 -22.61 16.46 0.15
CA ILE A 227 -22.83 17.72 -0.57
C ILE A 227 -22.14 17.69 -1.94
N LEU B 6 17.52 -9.03 -21.19
CA LEU B 6 16.76 -9.96 -20.31
C LEU B 6 15.84 -9.15 -19.37
N VAL B 7 16.39 -8.13 -18.72
CA VAL B 7 15.61 -7.31 -17.82
C VAL B 7 15.45 -5.92 -18.41
N ALA B 8 14.21 -5.44 -18.45
CA ALA B 8 13.93 -4.12 -19.00
C ALA B 8 14.79 -3.07 -18.33
N VAL B 9 15.09 -2.00 -19.05
CA VAL B 9 15.85 -0.87 -18.54
C VAL B 9 15.19 0.30 -19.28
N ASN B 10 15.71 1.52 -19.18
CA ASN B 10 15.04 2.58 -19.90
C ASN B 10 15.22 2.51 -21.43
N GLU B 11 14.40 1.66 -22.05
CA GLU B 11 14.35 1.45 -23.48
C GLU B 11 12.88 1.76 -23.79
N LEU B 12 12.16 2.11 -22.73
CA LEU B 12 10.75 2.43 -22.81
C LEU B 12 10.54 3.86 -23.25
N ASN B 13 9.71 4.04 -24.26
CA ASN B 13 9.43 5.35 -24.79
C ASN B 13 7.93 5.63 -24.74
N GLU B 14 7.57 6.85 -25.13
CA GLU B 14 6.19 7.30 -25.17
C GLU B 14 5.30 6.32 -25.92
N ASN B 15 5.80 5.75 -27.01
CA ASN B 15 5.03 4.80 -27.80
C ASN B 15 4.82 3.47 -27.07
N LEU B 16 5.81 3.03 -26.33
CA LEU B 16 5.73 1.78 -25.58
C LEU B 16 4.76 1.98 -24.41
N GLY B 17 4.83 3.13 -23.77
CA GLY B 17 3.92 3.41 -22.68
C GLY B 17 2.49 3.31 -23.19
N LYS B 18 2.24 3.81 -24.40
CA LYS B 18 0.91 3.75 -24.99
C LYS B 18 0.50 2.29 -25.14
N VAL B 19 1.44 1.46 -25.59
CA VAL B 19 1.17 0.05 -25.77
C VAL B 19 0.84 -0.57 -24.42
N LEU B 20 1.59 -0.21 -23.38
CA LEU B 20 1.34 -0.74 -22.04
C LEU B 20 -0.05 -0.33 -21.56
N ILE B 21 -0.39 0.94 -21.77
CA ILE B 21 -1.68 1.46 -21.39
C ILE B 21 -2.78 0.71 -22.14
N LYS B 22 -2.54 0.37 -23.39
CA LYS B 22 -3.52 -0.38 -24.15
C LYS B 22 -3.65 -1.79 -23.55
N ILE B 23 -2.51 -2.40 -23.24
CA ILE B 23 -2.54 -3.73 -22.64
C ILE B 23 -3.36 -3.67 -21.35
N ALA B 24 -3.13 -2.60 -20.60
CA ALA B 24 -3.84 -2.38 -19.35
C ALA B 24 -5.34 -2.24 -19.59
N ARG B 25 -5.71 -1.37 -20.52
CA ARG B 25 -7.11 -1.15 -20.82
C ARG B 25 -7.80 -2.39 -21.40
N ASP B 26 -7.14 -3.10 -22.31
CA ASP B 26 -7.76 -4.30 -22.87
C ASP B 26 -7.90 -5.41 -21.84
N SER B 27 -6.93 -5.54 -20.94
CA SER B 27 -7.01 -6.57 -19.92
C SER B 27 -8.23 -6.32 -19.02
N ILE B 28 -8.38 -5.08 -18.56
CA ILE B 28 -9.50 -4.70 -17.73
C ILE B 28 -10.79 -4.99 -18.51
N ALA B 29 -10.85 -4.52 -19.76
CA ALA B 29 -12.00 -4.71 -20.62
C ALA B 29 -12.38 -6.18 -20.69
N ASN B 30 -11.36 -7.02 -20.83
CA ASN B 30 -11.54 -8.46 -20.90
C ASN B 30 -12.22 -8.96 -19.64
N LYS B 31 -11.57 -8.74 -18.50
CA LYS B 31 -12.12 -9.17 -17.22
C LYS B 31 -13.50 -8.56 -16.93
N LEU B 32 -13.82 -7.45 -17.57
CA LEU B 32 -15.13 -6.82 -17.38
C LEU B 32 -16.14 -7.56 -18.27
N GLY B 33 -15.63 -8.29 -19.25
CA GLY B 33 -16.50 -9.03 -20.17
C GLY B 33 -16.85 -8.16 -21.36
N ILE B 34 -16.09 -7.11 -21.57
CA ILE B 34 -16.33 -6.18 -22.68
C ILE B 34 -15.52 -6.52 -23.92
N LEU B 35 -14.27 -6.93 -23.71
CA LEU B 35 -13.38 -7.28 -24.81
C LEU B 35 -13.20 -8.79 -24.78
N LYS B 36 -14.02 -9.48 -25.55
CA LYS B 36 -13.98 -10.94 -25.60
C LYS B 36 -12.85 -11.48 -26.46
N ILE B 37 -11.68 -11.60 -25.84
CA ILE B 37 -10.48 -12.10 -26.48
C ILE B 37 -9.83 -13.03 -25.47
N ASN B 38 -8.93 -13.89 -25.93
CA ASN B 38 -8.24 -14.76 -24.99
C ASN B 38 -7.03 -13.98 -24.54
N LEU B 39 -7.12 -13.38 -23.34
CA LEU B 39 -6.04 -12.57 -22.82
C LEU B 39 -4.67 -13.24 -23.00
N GLU B 40 -4.58 -14.53 -22.69
CA GLU B 40 -3.33 -15.28 -22.84
C GLU B 40 -2.77 -15.11 -24.25
N ASP B 41 -3.56 -15.55 -25.24
CA ASP B 41 -3.13 -15.47 -26.62
C ASP B 41 -2.85 -14.02 -27.01
N TYR B 42 -3.67 -13.11 -26.50
CA TYR B 42 -3.49 -11.69 -26.78
C TYR B 42 -2.10 -11.24 -26.36
N LEU B 43 -1.71 -11.58 -25.14
CA LEU B 43 -0.40 -11.22 -24.62
C LEU B 43 0.73 -11.95 -25.36
N SER B 44 0.48 -13.19 -25.77
CA SER B 44 1.47 -13.96 -26.50
C SER B 44 1.61 -13.40 -27.91
N SER B 45 0.52 -12.79 -28.39
CA SER B 45 0.50 -12.18 -29.72
C SER B 45 1.53 -11.08 -29.82
N LEU B 46 1.52 -10.17 -28.85
CA LEU B 46 2.47 -9.07 -28.83
C LEU B 46 3.86 -9.69 -28.65
N ASN B 47 4.68 -9.60 -29.70
CA ASN B 47 6.00 -10.20 -29.65
C ASN B 47 7.15 -9.20 -29.60
N ASP B 48 6.83 -7.93 -29.37
CA ASP B 48 7.87 -6.90 -29.27
C ASP B 48 8.84 -7.33 -28.18
N PRO B 49 10.13 -7.47 -28.52
CA PRO B 49 11.17 -7.87 -27.57
C PRO B 49 11.12 -7.20 -26.20
N ILE B 50 11.17 -5.87 -26.19
CA ILE B 50 11.14 -5.12 -24.94
C ILE B 50 9.93 -5.48 -24.06
N LEU B 51 8.77 -5.72 -24.70
CA LEU B 51 7.55 -6.07 -23.95
C LEU B 51 7.69 -7.38 -23.21
N ASN B 52 8.66 -8.18 -23.62
CA ASN B 52 8.89 -9.46 -22.99
C ASN B 52 9.96 -9.33 -21.91
N LYS B 53 10.66 -8.19 -21.90
CA LYS B 53 11.70 -7.98 -20.90
C LYS B 53 11.06 -7.88 -19.52
N LYS B 54 11.82 -8.32 -18.51
CA LYS B 54 11.32 -8.32 -17.15
C LYS B 54 11.49 -7.03 -16.37
N GLY B 55 10.50 -6.76 -15.53
CA GLY B 55 10.52 -5.58 -14.70
C GLY B 55 9.36 -5.60 -13.73
N LEU B 56 9.20 -4.49 -13.02
CA LEU B 56 8.10 -4.35 -12.07
C LEU B 56 7.09 -3.37 -12.64
N ALA B 57 5.85 -3.45 -12.19
CA ALA B 57 4.82 -2.56 -12.70
C ALA B 57 3.75 -2.28 -11.66
N PHE B 58 3.14 -1.11 -11.76
CA PHE B 58 2.07 -0.72 -10.86
C PHE B 58 1.12 0.13 -11.69
N VAL B 59 -0.17 -0.07 -11.50
CA VAL B 59 -1.15 0.69 -12.26
C VAL B 59 -2.13 1.40 -11.38
N THR B 60 -2.39 2.66 -11.71
CA THR B 60 -3.36 3.43 -10.96
C THR B 60 -4.44 3.82 -11.96
N LEU B 61 -5.69 3.81 -11.52
CA LEU B 61 -6.81 4.16 -12.38
C LEU B 61 -7.54 5.38 -11.84
N GLU B 62 -7.85 6.33 -12.71
CA GLU B 62 -8.56 7.53 -12.32
C GLU B 62 -10.00 7.41 -12.82
N THR B 63 -10.89 7.10 -11.89
CA THR B 63 -12.32 6.93 -12.20
C THR B 63 -13.13 8.02 -11.53
N TYR B 64 -14.44 8.01 -11.77
CA TYR B 64 -15.33 9.00 -11.19
C TYR B 64 -15.66 8.76 -9.72
N TYR B 65 -15.05 7.72 -9.13
CA TYR B 65 -15.24 7.43 -7.71
C TYR B 65 -13.90 7.34 -6.95
N GLY B 66 -12.81 7.66 -7.64
CA GLY B 66 -11.51 7.63 -6.99
C GLY B 66 -10.37 7.03 -7.81
N ASN B 67 -9.19 7.03 -7.20
CA ASN B 67 -8.00 6.50 -7.84
C ASN B 67 -7.66 5.11 -7.34
N SER B 68 -8.01 4.10 -8.13
CA SER B 68 -7.74 2.71 -7.77
C SER B 68 -6.29 2.41 -8.13
N THR B 69 -5.64 1.52 -7.37
CA THR B 69 -4.24 1.23 -7.65
C THR B 69 -3.79 -0.22 -7.47
N SER B 70 -2.77 -0.58 -8.24
CA SER B 70 -2.16 -1.92 -8.22
C SER B 70 -1.81 -2.31 -6.79
N LEU B 71 -1.42 -1.31 -5.98
CA LEU B 71 -1.10 -1.52 -4.56
C LEU B 71 -2.26 -0.97 -3.71
N ARG B 72 -2.23 -1.17 -2.40
CA ARG B 72 -3.31 -0.62 -1.55
C ARG B 72 -2.76 0.61 -0.83
N GLY B 73 -1.47 0.56 -0.52
CA GLY B 73 -0.81 1.66 0.17
C GLY B 73 -0.19 1.24 1.49
N CYS B 74 1.03 1.70 1.74
CA CYS B 74 1.76 1.43 2.98
C CYS B 74 2.25 0.00 3.23
N ILE B 75 3.16 -0.49 2.38
CA ILE B 75 3.76 -1.84 2.50
C ILE B 75 4.38 -2.37 1.20
N GLY B 76 5.72 -2.49 1.17
CA GLY B 76 6.40 -3.02 0.00
C GLY B 76 7.10 -2.07 -0.97
N TYR B 77 6.53 -2.01 -2.19
CA TYR B 77 7.01 -1.18 -3.31
C TYR B 77 8.21 -1.76 -4.08
N VAL B 78 8.24 -3.09 -4.19
CA VAL B 78 9.28 -3.86 -4.89
C VAL B 78 8.82 -5.34 -4.84
N GLU B 79 8.08 -5.78 -5.87
CA GLU B 79 7.55 -7.16 -5.93
C GLU B 79 8.49 -8.17 -6.59
N ALA B 80 7.93 -9.03 -7.43
CA ALA B 80 8.69 -10.05 -8.14
C ALA B 80 8.72 -9.74 -9.64
N VAL B 81 9.91 -9.43 -10.14
CA VAL B 81 10.10 -9.09 -11.55
C VAL B 81 9.43 -10.07 -12.51
N ALA B 82 8.97 -9.58 -13.64
CA ALA B 82 8.30 -10.42 -14.64
C ALA B 82 8.19 -9.69 -15.99
N PRO B 83 7.74 -10.40 -17.04
CA PRO B 83 7.61 -9.77 -18.36
C PRO B 83 6.66 -8.57 -18.33
N LEU B 84 7.11 -7.43 -18.86
CA LEU B 84 6.29 -6.21 -18.88
C LEU B 84 4.81 -6.37 -19.26
N LYS B 85 4.52 -7.02 -20.38
CA LYS B 85 3.13 -7.20 -20.81
C LYS B 85 2.32 -8.04 -19.82
N GLU B 86 2.99 -8.97 -19.17
CA GLU B 86 2.36 -9.87 -18.21
C GLU B 86 2.04 -9.16 -16.89
N ILE B 87 3.03 -8.47 -16.34
CA ILE B 87 2.87 -7.81 -15.06
C ILE B 87 2.03 -6.53 -15.21
N VAL B 88 2.08 -5.91 -16.37
CA VAL B 88 1.28 -4.72 -16.58
C VAL B 88 -0.19 -5.12 -16.68
N SER B 89 -0.44 -6.24 -17.37
CA SER B 89 -1.80 -6.75 -17.55
C SER B 89 -2.36 -7.13 -16.19
N LYS B 90 -1.58 -7.93 -15.48
CA LYS B 90 -1.95 -8.39 -14.14
C LYS B 90 -2.23 -7.20 -13.20
N ALA B 91 -1.38 -6.17 -13.25
CA ALA B 91 -1.56 -5.00 -12.38
C ALA B 91 -2.76 -4.14 -12.76
N ALA B 92 -3.06 -4.06 -14.06
CA ALA B 92 -4.21 -3.28 -14.52
C ALA B 92 -5.50 -3.90 -13.96
N ILE B 93 -5.59 -5.23 -14.04
CA ILE B 93 -6.77 -5.93 -13.53
C ILE B 93 -6.84 -5.73 -12.02
N ALA B 94 -5.69 -5.78 -11.35
CA ALA B 94 -5.66 -5.59 -9.90
C ALA B 94 -6.07 -4.16 -9.53
N ALA B 95 -5.75 -3.20 -10.39
CA ALA B 95 -6.12 -1.83 -10.08
C ALA B 95 -7.63 -1.63 -10.28
N ALA B 96 -8.23 -2.44 -11.14
CA ALA B 96 -9.65 -2.32 -11.42
C ALA B 96 -10.59 -3.15 -10.56
N PHE B 97 -10.14 -4.30 -10.10
CA PHE B 97 -10.98 -5.17 -9.29
C PHE B 97 -10.52 -5.42 -7.86
N SER B 98 -9.21 -5.34 -7.62
CA SER B 98 -8.66 -5.67 -6.29
C SER B 98 -8.45 -4.64 -5.18
N ASP B 99 -8.41 -3.35 -5.50
CA ASP B 99 -8.19 -2.33 -4.45
C ASP B 99 -9.29 -2.48 -3.38
N PRO B 100 -8.91 -2.78 -2.13
CA PRO B 100 -9.84 -2.97 -1.02
C PRO B 100 -10.64 -1.76 -0.57
N ARG B 101 -10.37 -0.60 -1.16
CA ARG B 101 -11.07 0.62 -0.78
C ARG B 101 -12.15 1.00 -1.80
N PHE B 102 -12.28 0.22 -2.86
CA PHE B 102 -13.23 0.53 -3.92
C PHE B 102 -14.01 -0.66 -4.46
N PRO B 103 -15.20 -0.40 -5.00
CA PRO B 103 -16.04 -1.46 -5.57
C PRO B 103 -15.29 -1.93 -6.82
N PRO B 104 -15.72 -3.05 -7.42
CA PRO B 104 -15.05 -3.54 -8.62
C PRO B 104 -15.39 -2.54 -9.72
N LEU B 105 -14.49 -2.32 -10.67
CA LEU B 105 -14.78 -1.37 -11.74
C LEU B 105 -16.06 -1.85 -12.42
N SER B 106 -16.92 -0.90 -12.79
CA SER B 106 -18.16 -1.23 -13.46
C SER B 106 -17.97 -0.96 -14.96
N LYS B 107 -18.66 -1.74 -15.78
CA LYS B 107 -18.57 -1.58 -17.22
C LYS B 107 -18.99 -0.17 -17.63
N GLY B 108 -19.94 0.41 -16.90
CA GLY B 108 -20.40 1.75 -17.20
C GLY B 108 -19.34 2.81 -16.92
N GLU B 109 -18.50 2.56 -15.92
CA GLU B 109 -17.45 3.51 -15.56
C GLU B 109 -16.13 3.24 -16.27
N PHE B 110 -16.03 2.10 -16.93
CA PHE B 110 -14.82 1.72 -17.64
C PHE B 110 -14.37 2.71 -18.72
N ASP B 111 -15.34 3.27 -19.45
CA ASP B 111 -15.02 4.23 -20.51
C ASP B 111 -14.45 5.54 -19.97
N ASN B 112 -14.71 5.82 -18.69
CA ASN B 112 -14.21 7.07 -18.10
C ASN B 112 -12.96 6.92 -17.26
N ILE B 113 -12.24 5.82 -17.40
CA ILE B 113 -11.03 5.69 -16.60
C ILE B 113 -9.84 6.27 -17.35
N ILE B 114 -8.92 6.85 -16.60
CA ILE B 114 -7.70 7.40 -17.15
C ILE B 114 -6.63 6.52 -16.52
N ILE B 115 -5.96 5.73 -17.37
CA ILE B 115 -4.94 4.78 -16.91
C ILE B 115 -3.52 5.29 -16.76
N GLU B 116 -2.87 4.92 -15.65
CA GLU B 116 -1.49 5.29 -15.41
C GLU B 116 -0.66 4.06 -15.08
N VAL B 117 0.39 3.83 -15.86
CA VAL B 117 1.27 2.69 -15.64
C VAL B 117 2.65 3.13 -15.18
N THR B 118 3.15 2.49 -14.12
CA THR B 118 4.49 2.79 -13.61
C THR B 118 5.34 1.54 -13.72
N VAL B 119 6.52 1.69 -14.30
CA VAL B 119 7.44 0.57 -14.46
C VAL B 119 8.69 0.89 -13.66
N LEU B 120 9.33 -0.12 -13.08
CA LEU B 120 10.56 0.09 -12.33
C LEU B 120 11.49 -1.05 -12.72
N THR B 121 12.74 -0.74 -13.02
CA THR B 121 13.69 -1.78 -13.39
C THR B 121 13.95 -2.64 -12.16
N LYS B 122 14.50 -3.83 -12.39
CA LYS B 122 14.82 -4.74 -11.30
C LYS B 122 15.96 -4.16 -10.50
N PRO B 123 15.79 -4.04 -9.19
CA PRO B 123 16.87 -3.48 -8.36
C PRO B 123 18.16 -4.26 -8.55
N GLN B 124 19.22 -3.59 -9.00
CA GLN B 124 20.52 -4.21 -9.23
C GLN B 124 21.59 -3.75 -8.23
N GLU B 125 22.42 -4.69 -7.80
CA GLU B 125 23.50 -4.39 -6.87
C GLU B 125 24.62 -3.60 -7.54
N ILE B 126 25.15 -2.60 -6.84
CA ILE B 126 26.23 -1.78 -7.38
C ILE B 126 27.57 -2.36 -6.94
N ASP B 127 28.25 -3.06 -7.84
CA ASP B 127 29.54 -3.65 -7.50
C ASP B 127 30.71 -2.73 -7.84
N VAL B 128 31.36 -2.20 -6.80
CA VAL B 128 32.52 -1.32 -6.97
C VAL B 128 33.48 -1.52 -5.79
N GLU B 129 34.63 -2.12 -6.07
CA GLU B 129 35.67 -2.41 -5.07
C GLU B 129 35.79 -1.38 -3.95
N ASN B 130 35.91 -0.10 -4.31
CA ASN B 130 35.99 0.98 -3.33
C ASN B 130 34.60 1.58 -3.23
N ARG B 131 34.25 2.15 -2.08
CA ARG B 131 32.94 2.75 -1.91
C ARG B 131 33.02 4.27 -1.90
N TRP B 132 34.24 4.80 -2.00
CA TRP B 132 34.42 6.25 -1.98
C TRP B 132 33.99 6.90 -3.28
N GLU B 133 33.73 6.09 -4.31
CA GLU B 133 33.30 6.63 -5.60
C GLU B 133 31.93 6.06 -6.00
N LEU B 134 31.30 5.33 -5.08
CA LEU B 134 29.98 4.75 -5.33
C LEU B 134 29.02 5.82 -5.84
N PRO B 135 29.13 7.04 -5.31
CA PRO B 135 28.29 8.19 -5.70
C PRO B 135 28.39 8.49 -7.19
N LYS B 136 29.43 7.96 -7.82
CA LYS B 136 29.64 8.17 -9.25
C LYS B 136 28.65 7.27 -10.00
N LYS B 137 28.41 6.08 -9.45
CA LYS B 137 27.52 5.11 -10.05
C LYS B 137 26.03 5.40 -9.82
N ILE B 138 25.74 6.56 -9.22
CA ILE B 138 24.36 6.94 -8.94
C ILE B 138 24.05 8.29 -9.58
N LYS B 139 22.80 8.48 -9.99
CA LYS B 139 22.40 9.73 -10.62
C LYS B 139 21.08 10.21 -10.06
N VAL B 140 21.13 11.33 -9.36
CA VAL B 140 19.95 11.92 -8.74
C VAL B 140 18.89 12.29 -9.77
N GLY B 141 17.64 11.93 -9.47
CA GLY B 141 16.55 12.23 -10.36
C GLY B 141 16.35 11.07 -11.32
N GLU B 142 17.25 10.08 -11.24
CA GLU B 142 17.15 8.94 -12.13
C GLU B 142 17.11 7.60 -11.41
N ASP B 143 17.91 7.46 -10.34
CA ASP B 143 17.98 6.21 -9.61
C ASP B 143 17.25 6.16 -8.28
N GLY B 144 16.75 4.96 -7.98
CA GLY B 144 16.08 4.71 -6.72
C GLY B 144 17.13 3.93 -5.96
N LEU B 145 17.09 3.99 -4.64
CA LEU B 145 18.07 3.27 -3.84
C LEU B 145 17.48 2.30 -2.84
N ILE B 146 18.26 1.26 -2.58
CA ILE B 146 17.93 0.22 -1.62
C ILE B 146 19.23 -0.06 -0.86
N VAL B 147 19.17 0.08 0.46
CA VAL B 147 20.32 -0.17 1.32
C VAL B 147 20.00 -1.36 2.19
N GLU B 148 20.80 -2.41 2.09
CA GLU B 148 20.59 -3.62 2.87
C GLU B 148 21.81 -4.04 3.69
N TYR B 149 21.53 -4.75 4.78
CA TYR B 149 22.55 -5.28 5.66
C TYR B 149 21.82 -6.19 6.64
N GLY B 150 22.05 -7.49 6.48
CA GLY B 150 21.37 -8.45 7.34
C GLY B 150 19.96 -8.49 6.82
N ILE B 151 19.00 -8.81 7.68
CA ILE B 151 17.60 -8.85 7.28
C ILE B 151 16.76 -7.97 8.20
N LEU B 152 17.45 -7.22 9.06
CA LEU B 152 16.84 -6.31 10.02
C LEU B 152 17.07 -4.86 9.61
N TYR B 153 17.90 -4.66 8.59
CA TYR B 153 18.23 -3.32 8.12
C TYR B 153 18.10 -3.22 6.61
N SER B 154 17.12 -2.44 6.17
CA SER B 154 16.91 -2.25 4.76
C SER B 154 16.16 -0.95 4.56
N GLY B 155 16.69 -0.13 3.66
CA GLY B 155 16.08 1.16 3.35
C GLY B 155 15.85 1.27 1.86
N LEU B 156 14.77 1.98 1.49
CA LEU B 156 14.45 2.16 0.09
C LEU B 156 13.84 3.53 -0.13
N LEU B 157 14.26 4.19 -1.21
CA LEU B 157 13.76 5.50 -1.59
C LEU B 157 13.48 5.48 -3.09
N LEU B 158 12.37 6.07 -3.49
CA LEU B 158 12.02 6.15 -4.91
C LEU B 158 12.84 7.24 -5.59
N PRO B 159 12.99 7.17 -6.91
CA PRO B 159 13.77 8.16 -7.66
C PRO B 159 13.38 9.62 -7.43
N GLN B 160 12.09 9.89 -7.31
CA GLN B 160 11.55 11.24 -7.12
C GLN B 160 12.02 12.01 -5.87
N VAL B 161 12.34 11.30 -4.78
CA VAL B 161 12.70 11.97 -3.54
C VAL B 161 13.94 12.87 -3.54
N PRO B 162 15.05 12.39 -4.11
CA PRO B 162 16.24 13.26 -4.12
C PRO B 162 15.94 14.63 -4.72
N MSE B 163 15.26 14.65 -5.87
CA MSE B 163 14.90 15.90 -6.54
C MSE B 163 14.06 16.80 -5.64
O MSE B 163 14.41 17.95 -5.41
CB MSE B 163 14.14 15.62 -7.83
CG MSE B 163 14.99 15.21 -9.05
SE MSE B 163 16.01 16.67 -9.93
CE MSE B 163 17.84 15.95 -9.79
N GLU B 164 12.96 16.26 -5.12
CA GLU B 164 12.06 17.00 -4.23
C GLU B 164 12.76 17.77 -3.11
N TYR B 165 13.93 17.31 -2.68
CA TYR B 165 14.65 17.98 -1.60
C TYR B 165 16.04 18.43 -2.00
N CYS B 166 16.32 18.38 -3.30
CA CYS B 166 17.60 18.79 -3.85
C CYS B 166 18.81 18.13 -3.22
N TRP B 167 18.74 16.83 -2.98
CA TRP B 167 19.89 16.14 -2.40
C TRP B 167 20.88 15.78 -3.50
N ASP B 168 22.14 15.59 -3.13
CA ASP B 168 23.16 15.17 -4.08
C ASP B 168 23.36 13.67 -3.85
N GLU B 169 24.17 13.03 -4.69
CA GLU B 169 24.43 11.60 -4.55
C GLU B 169 24.66 11.18 -3.10
N GLU B 170 25.68 11.76 -2.47
CA GLU B 170 26.06 11.43 -1.09
C GLU B 170 24.93 11.62 -0.08
N THR B 171 24.29 12.78 -0.08
CA THR B 171 23.22 13.01 0.86
C THR B 171 22.15 11.93 0.63
N PHE B 172 21.91 11.62 -0.64
CA PHE B 172 20.92 10.60 -1.02
C PHE B 172 21.26 9.24 -0.40
N LEU B 173 22.53 8.82 -0.51
CA LEU B 173 22.96 7.55 0.08
C LEU B 173 22.74 7.58 1.59
N ALA B 174 23.13 8.70 2.20
CA ALA B 174 23.02 8.86 3.64
C ALA B 174 21.60 8.77 4.18
N GLU B 175 20.65 9.36 3.46
CA GLU B 175 19.26 9.35 3.88
C GLU B 175 18.70 7.94 3.84
N THR B 176 19.05 7.21 2.80
CA THR B 176 18.60 5.83 2.64
C THR B 176 19.19 5.04 3.81
N CYS B 177 20.45 5.31 4.13
CA CYS B 177 21.11 4.63 5.26
C CYS B 177 20.31 4.83 6.55
N ILE B 178 19.97 6.08 6.84
CA ILE B 178 19.20 6.40 8.03
C ILE B 178 17.86 5.67 7.99
N LYS B 179 17.25 5.58 6.82
CA LYS B 179 15.96 4.90 6.69
C LYS B 179 16.15 3.41 6.96
N ALA B 180 17.27 2.85 6.54
CA ALA B 180 17.57 1.44 6.78
C ALA B 180 17.82 1.22 8.29
N GLY B 181 18.06 2.32 9.01
CA GLY B 181 18.30 2.25 10.43
C GLY B 181 19.79 2.23 10.74
N LEU B 182 20.59 2.69 9.78
CA LEU B 182 22.03 2.71 9.92
C LEU B 182 22.59 4.14 9.97
N GLU B 183 23.88 4.27 10.24
CA GLU B 183 24.52 5.60 10.30
C GLU B 183 24.64 6.19 8.90
N PRO B 184 24.55 7.53 8.78
CA PRO B 184 24.63 8.24 7.50
C PRO B 184 25.78 7.82 6.58
N ASP B 185 26.78 7.16 7.17
CA ASP B 185 27.97 6.70 6.43
C ASP B 185 27.92 5.21 6.11
N CYS B 186 26.77 4.59 6.29
CA CYS B 186 26.62 3.15 6.05
C CYS B 186 26.98 2.67 4.65
N TRP B 187 27.01 3.58 3.67
CA TRP B 187 27.31 3.18 2.30
C TRP B 187 28.77 2.79 2.02
N LEU B 188 29.66 3.20 2.91
CA LEU B 188 31.08 2.90 2.77
C LEU B 188 31.36 1.50 3.32
N ASN B 189 30.59 1.10 4.34
CA ASN B 189 30.77 -0.20 4.94
C ASN B 189 30.51 -1.30 3.91
N ASN B 190 31.59 -1.91 3.45
CA ASN B 190 31.55 -2.97 2.45
C ASN B 190 30.50 -4.04 2.73
N LYS B 191 30.15 -4.22 4.00
CA LYS B 191 29.16 -5.23 4.36
C LYS B 191 27.74 -4.76 4.05
N VAL B 192 27.60 -3.50 3.65
CA VAL B 192 26.29 -2.95 3.32
C VAL B 192 26.04 -3.03 1.81
N LYS B 193 24.99 -3.75 1.42
CA LYS B 193 24.62 -3.87 0.01
C LYS B 193 23.93 -2.58 -0.46
N ILE B 194 24.19 -2.19 -1.70
CA ILE B 194 23.58 -0.99 -2.24
C ILE B 194 23.08 -1.24 -3.65
N LYS B 195 21.76 -1.14 -3.82
CA LYS B 195 21.11 -1.36 -5.11
C LYS B 195 20.49 -0.12 -5.73
N LYS B 196 20.57 -0.04 -7.04
CA LYS B 196 20.00 1.05 -7.82
C LYS B 196 18.84 0.46 -8.59
N PHE B 197 17.97 1.32 -9.07
CA PHE B 197 16.85 0.90 -9.89
C PHE B 197 16.24 2.19 -10.38
N GLN B 198 15.57 2.13 -11.53
CA GLN B 198 14.92 3.32 -12.07
C GLN B 198 13.49 3.01 -12.45
N GLY B 199 12.79 4.02 -12.93
CA GLY B 199 11.41 3.81 -13.32
C GLY B 199 10.88 4.90 -14.23
N ILE B 200 9.66 4.68 -14.70
CA ILE B 200 9.03 5.65 -15.57
C ILE B 200 7.52 5.59 -15.39
N ILE B 201 6.88 6.75 -15.37
CA ILE B 201 5.44 6.85 -15.20
C ILE B 201 4.74 7.29 -16.51
N PHE B 202 3.83 6.44 -17.01
CA PHE B 202 3.06 6.72 -18.23
C PHE B 202 1.60 7.00 -17.84
N ARG B 203 1.04 8.09 -18.35
CA ARG B 203 -0.36 8.40 -18.04
C ARG B 203 -1.05 9.15 -19.18
N GLU B 204 -2.25 8.71 -19.52
CA GLU B 204 -3.01 9.35 -20.59
C GLU B 204 -3.42 10.72 -20.08
N GLU B 205 -3.65 11.65 -21.00
CA GLU B 205 -4.09 12.97 -20.57
C GLU B 205 -5.60 12.96 -20.62
N LYS B 206 -6.14 11.92 -21.25
CA LYS B 206 -7.56 11.74 -21.41
C LYS B 206 -7.81 10.24 -21.61
N PRO B 207 -9.03 9.76 -21.33
CA PRO B 207 -9.28 8.34 -21.53
C PRO B 207 -9.03 7.93 -22.96
N LYS B 208 -8.09 7.01 -23.15
CA LYS B 208 -7.74 6.50 -24.47
C LYS B 208 -7.01 7.52 -25.34
N SER B 209 -6.66 8.67 -24.77
CA SER B 209 -5.96 9.69 -25.54
C SER B 209 -4.85 9.09 -26.41
N GLU B 210 -4.63 9.67 -27.58
CA GLU B 210 -3.57 9.18 -28.48
C GLU B 210 -2.20 9.57 -27.93
N LYS B 211 -2.17 10.66 -27.16
CA LYS B 211 -0.93 11.14 -26.55
C LYS B 211 -0.89 10.70 -25.10
N ILE B 212 0.28 10.25 -24.65
CA ILE B 212 0.44 9.87 -23.26
C ILE B 212 1.65 10.56 -22.65
N LEU B 213 1.45 11.10 -21.45
CA LEU B 213 2.48 11.83 -20.76
C LEU B 213 3.50 10.95 -20.05
N ILE B 214 4.67 11.53 -19.82
CA ILE B 214 5.72 10.84 -19.09
C ILE B 214 5.92 11.80 -17.93
N ILE B 215 5.48 11.39 -16.74
CA ILE B 215 5.55 12.23 -15.55
C ILE B 215 6.88 12.26 -14.81
N LYS B 216 7.35 13.47 -14.51
CA LYS B 216 8.60 13.70 -13.79
C LYS B 216 8.84 15.21 -13.70
N PRO B 217 9.01 15.75 -12.48
CA PRO B 217 9.24 17.18 -12.27
C PRO B 217 10.32 17.77 -13.19
N SER B 218 10.37 19.10 -13.27
CA SER B 218 11.33 19.80 -14.12
C SER B 218 12.79 19.61 -13.75
N GLU B 219 13.59 19.25 -14.75
CA GLU B 219 15.03 19.01 -14.64
C GLU B 219 15.63 19.09 -13.23
#